data_7E4B
#
_entry.id   7E4B
#
_cell.length_a   66.028
_cell.length_b   68.513
_cell.length_c   85.333
_cell.angle_alpha   90.000
_cell.angle_beta   90.000
_cell.angle_gamma   90.000
#
_symmetry.space_group_name_H-M   'P 21 21 21'
#
loop_
_entity.id
_entity.type
_entity.pdbx_description
1 polymer 'Macrophage migration inhibitory factor'
2 non-polymer 'CHLORIDE ION'
3 non-polymer 2-[2,4-bis(oxidanyl)phenyl]-3,5,7-tris(oxidanyl)chromen-4-one
4 water water
#
_entity_poly.entity_id   1
_entity_poly.type   'polypeptide(L)'
_entity_poly.pdbx_seq_one_letter_code
;PMFIVNTNVPRASVPDGFLSELTQQLAQATGKPPQYIAVHVVPDQLMAFGGSSEPCALCSLHSIGKIGGAQNRSYSKLLC
GLLAERLRISPDRVYINYYDMNAANVGWNNSTFA
;
_entity_poly.pdbx_strand_id   A,B,C
#
loop_
_chem_comp.id
_chem_comp.type
_chem_comp.name
_chem_comp.formula
CL non-polymer 'CHLORIDE ION' 'Cl -1'
MRI non-polymer 2-[2,4-bis(oxidanyl)phenyl]-3,5,7-tris(oxidanyl)chromen-4-one 'C15 H10 O7'
#
# COMPACT_ATOMS: atom_id res chain seq x y z
N PRO A 1 -12.73 -6.99 5.86
CA PRO A 1 -12.16 -6.37 4.67
C PRO A 1 -11.47 -5.06 5.02
N MET A 2 -10.73 -4.52 4.07
CA MET A 2 -9.94 -3.32 4.29
C MET A 2 -10.05 -2.46 3.05
N PHE A 3 -10.41 -1.20 3.23
CA PHE A 3 -10.51 -0.26 2.11
C PHE A 3 -9.63 0.95 2.37
N ILE A 4 -8.74 1.26 1.44
CA ILE A 4 -7.80 2.35 1.58
C ILE A 4 -7.98 3.30 0.40
N VAL A 5 -8.02 4.59 0.67
CA VAL A 5 -8.07 5.58 -0.40
C VAL A 5 -6.93 6.56 -0.18
N ASN A 6 -6.07 6.68 -1.17
CA ASN A 6 -5.01 7.68 -1.20
C ASN A 6 -5.44 8.76 -2.19
N THR A 7 -5.43 10.02 -1.73
CA THR A 7 -5.90 11.07 -2.61
C THR A 7 -5.10 12.35 -2.36
N ASN A 8 -5.04 13.18 -3.39
CA ASN A 8 -4.40 14.49 -3.28
C ASN A 8 -5.38 15.56 -2.81
N VAL A 9 -6.64 15.18 -2.58
CA VAL A 9 -7.64 16.10 -2.05
C VAL A 9 -7.21 16.51 -0.64
N PRO A 10 -7.34 17.78 -0.25
CA PRO A 10 -6.86 18.18 1.08
C PRO A 10 -7.74 17.63 2.20
N ARG A 11 -7.11 17.49 3.37
CA ARG A 11 -7.79 16.98 4.56
C ARG A 11 -9.10 17.72 4.83
N ALA A 12 -9.10 19.04 4.68
CA ALA A 12 -10.29 19.84 5.00
C ALA A 12 -11.46 19.51 4.07
N SER A 13 -11.19 18.93 2.90
CA SER A 13 -12.22 18.58 1.94
C SER A 13 -12.76 17.17 2.13
N VAL A 14 -12.21 16.41 3.05
CA VAL A 14 -12.75 15.10 3.42
C VAL A 14 -13.87 15.35 4.42
N PRO A 15 -15.14 15.17 4.06
CA PRO A 15 -16.21 15.60 4.96
C PRO A 15 -16.27 14.77 6.24
N ASP A 16 -16.80 15.39 7.28
CA ASP A 16 -17.10 14.66 8.50
C ASP A 16 -17.99 13.46 8.18
N GLY A 17 -17.69 12.34 8.82
CA GLY A 17 -18.46 11.13 8.65
C GLY A 17 -18.04 10.28 7.48
N PHE A 18 -16.99 10.65 6.74
CA PHE A 18 -16.62 9.90 5.54
C PHE A 18 -16.23 8.47 5.88
N LEU A 19 -15.45 8.28 6.95
CA LEU A 19 -15.03 6.94 7.36
C LEU A 19 -16.23 6.13 7.84
N SER A 20 -17.14 6.77 8.55
CA SER A 20 -18.35 6.08 9.01
C SER A 20 -19.20 5.67 7.83
N GLU A 21 -19.31 6.56 6.84
CA GLU A 21 -20.09 6.27 5.65
C GLU A 21 -19.50 5.13 4.86
N LEU A 22 -18.17 5.16 4.64
CA LEU A 22 -17.52 4.08 3.90
C LEU A 22 -17.70 2.76 4.61
N THR A 23 -17.55 2.75 5.95
CA THR A 23 -17.72 1.51 6.71
C THR A 23 -19.07 0.92 6.47
N GLN A 24 -20.09 1.75 6.59
CA GLN A 24 -21.48 1.30 6.49
C GLN A 24 -21.77 0.82 5.07
N GLN A 25 -21.32 1.56 4.06
CA GLN A 25 -21.55 1.19 2.68
C GLN A 25 -20.83 -0.11 2.31
N LEU A 26 -19.60 -0.29 2.78
CA LEU A 26 -18.85 -1.52 2.49
C LEU A 26 -19.43 -2.72 3.22
N ALA A 27 -19.98 -2.52 4.42
CA ALA A 27 -20.66 -3.62 5.10
C ALA A 27 -21.79 -4.17 4.25
N GLN A 28 -22.64 -3.28 3.73
CA GLN A 28 -23.73 -3.76 2.90
C GLN A 28 -23.21 -4.36 1.59
N ALA A 29 -22.21 -3.71 0.97
CA ALA A 29 -21.76 -4.13 -0.36
C ALA A 29 -21.05 -5.48 -0.31
N THR A 30 -20.18 -5.69 0.70
CA THR A 30 -19.44 -6.94 0.82
C THR A 30 -20.23 -8.02 1.57
N GLY A 31 -21.30 -7.64 2.26
CA GLY A 31 -22.02 -8.61 3.06
C GLY A 31 -21.32 -9.01 4.34
N LYS A 32 -20.17 -8.45 4.61
CA LYS A 32 -19.41 -8.77 5.82
C LYS A 32 -19.93 -7.92 6.98
N PRO A 33 -19.86 -8.44 8.21
CA PRO A 33 -20.30 -7.65 9.36
C PRO A 33 -19.44 -6.40 9.54
N PRO A 34 -20.03 -5.30 9.98
CA PRO A 34 -19.26 -4.05 10.10
C PRO A 34 -18.03 -4.18 10.97
N GLN A 35 -18.08 -5.09 11.96
CA GLN A 35 -16.96 -5.33 12.86
C GLN A 35 -15.68 -5.68 12.13
N TYR A 36 -15.79 -6.27 10.94
CA TYR A 36 -14.64 -6.73 10.19
C TYR A 36 -14.17 -5.71 9.16
N ILE A 37 -14.81 -4.56 9.07
CA ILE A 37 -14.49 -3.59 8.02
C ILE A 37 -13.54 -2.54 8.56
N ALA A 38 -12.39 -2.39 7.92
CA ALA A 38 -11.44 -1.35 8.27
C ALA A 38 -11.32 -0.38 7.10
N VAL A 39 -11.25 0.91 7.40
CA VAL A 39 -11.18 1.93 6.35
C VAL A 39 -10.05 2.89 6.67
N HIS A 40 -9.37 3.37 5.63
CA HIS A 40 -8.20 4.23 5.78
C HIS A 40 -8.24 5.27 4.69
N VAL A 41 -8.28 6.56 5.04
CA VAL A 41 -8.30 7.65 4.06
C VAL A 41 -7.03 8.47 4.24
N VAL A 42 -6.30 8.68 3.16
CA VAL A 42 -5.00 9.38 3.21
C VAL A 42 -5.09 10.58 2.30
N PRO A 43 -5.40 11.76 2.82
CA PRO A 43 -5.51 12.93 1.96
C PRO A 43 -4.18 13.63 1.81
N ASP A 44 -4.17 14.73 1.06
CA ASP A 44 -3.00 15.62 0.95
C ASP A 44 -1.81 14.95 0.29
N GLN A 45 -2.06 13.93 -0.52
CA GLN A 45 -0.96 13.18 -1.12
C GLN A 45 -0.41 13.88 -2.35
N LEU A 46 0.85 13.59 -2.63
CA LEU A 46 1.51 14.06 -3.84
C LEU A 46 1.28 13.03 -4.94
N MET A 47 0.32 13.30 -5.82
CA MET A 47 -0.11 12.28 -6.77
C MET A 47 -0.40 12.93 -8.10
N ALA A 48 -0.32 12.13 -9.15
CA ALA A 48 -0.77 12.58 -10.46
C ALA A 48 -1.48 11.42 -11.15
N PHE A 49 -2.45 11.77 -11.98
CA PHE A 49 -3.20 10.78 -12.74
C PHE A 49 -3.23 11.30 -14.16
N GLY A 50 -2.68 10.53 -15.09
CA GLY A 50 -2.56 11.06 -16.43
C GLY A 50 -1.64 12.24 -16.53
N GLY A 51 -0.71 12.37 -15.59
CA GLY A 51 0.25 13.45 -15.54
C GLY A 51 -0.25 14.73 -14.90
N SER A 52 -1.52 14.82 -14.51
CA SER A 52 -2.02 16.06 -13.93
C SER A 52 -2.43 15.85 -12.48
N SER A 53 -2.30 16.90 -11.69
CA SER A 53 -2.55 16.82 -10.26
C SER A 53 -3.92 17.34 -9.85
N GLU A 54 -4.88 17.42 -10.77
CA GLU A 54 -6.29 17.59 -10.39
C GLU A 54 -6.71 16.44 -9.45
N PRO A 55 -7.84 16.59 -8.74
CA PRO A 55 -8.23 15.56 -7.76
C PRO A 55 -8.24 14.17 -8.38
N CYS A 56 -7.65 13.23 -7.66
CA CYS A 56 -7.58 11.85 -8.11
C CYS A 56 -7.44 10.96 -6.87
N ALA A 57 -7.57 9.65 -7.07
CA ALA A 57 -7.48 8.72 -5.95
C ALA A 57 -6.92 7.39 -6.44
N LEU A 58 -6.07 6.77 -5.60
CA LEU A 58 -5.66 5.37 -5.79
C LEU A 58 -6.15 4.59 -4.57
N CYS A 59 -6.95 3.55 -4.80
CA CYS A 59 -7.63 2.84 -3.73
C CYS A 59 -7.35 1.34 -3.79
N SER A 60 -7.59 0.67 -2.67
CA SER A 60 -7.52 -0.79 -2.68
C SER A 60 -8.60 -1.35 -1.78
N LEU A 61 -9.20 -2.46 -2.20
CA LEU A 61 -10.17 -3.18 -1.38
C LEU A 61 -9.64 -4.59 -1.23
N HIS A 62 -9.34 -4.98 0.01
CA HIS A 62 -8.91 -6.35 0.31
C HIS A 62 -10.04 -7.06 1.03
N SER A 63 -10.35 -8.27 0.58
CA SER A 63 -11.42 -9.02 1.23
C SER A 63 -11.14 -10.51 1.10
N ILE A 64 -11.45 -11.26 2.15
CA ILE A 64 -11.46 -12.71 2.07
C ILE A 64 -12.75 -13.09 1.33
N GLY A 65 -12.61 -13.38 0.04
CA GLY A 65 -13.79 -13.64 -0.76
C GLY A 65 -14.57 -12.36 -1.02
N LYS A 66 -15.72 -12.54 -1.64
CA LYS A 66 -16.56 -11.43 -2.08
C LYS A 66 -15.81 -10.52 -3.08
N ILE A 67 -14.90 -11.12 -3.85
CA ILE A 67 -14.16 -10.42 -4.90
C ILE A 67 -14.32 -11.21 -6.19
N GLY A 68 -14.62 -10.53 -7.28
CA GLY A 68 -14.78 -11.22 -8.54
C GLY A 68 -15.25 -10.24 -9.58
N GLY A 69 -15.30 -10.71 -10.82
CA GLY A 69 -15.65 -9.83 -11.93
C GLY A 69 -16.89 -8.98 -11.69
N ALA A 70 -18.02 -9.64 -11.48
CA ALA A 70 -19.27 -8.91 -11.32
C ALA A 70 -19.30 -8.13 -10.02
N GLN A 71 -18.77 -8.70 -8.94
CA GLN A 71 -18.79 -7.97 -7.68
C GLN A 71 -17.90 -6.74 -7.75
N ASN A 72 -16.74 -6.85 -8.40
CA ASN A 72 -15.83 -5.70 -8.48
C ASN A 72 -16.41 -4.61 -9.35
N ARG A 73 -17.18 -4.97 -10.40
CA ARG A 73 -17.87 -3.95 -11.16
C ARG A 73 -18.84 -3.18 -10.27
N SER A 74 -19.56 -3.88 -9.41
CA SER A 74 -20.51 -3.20 -8.53
C SER A 74 -19.80 -2.34 -7.50
N TYR A 75 -18.71 -2.85 -6.91
CA TYR A 75 -17.89 -2.03 -6.01
C TYR A 75 -17.37 -0.78 -6.72
N SER A 76 -16.93 -0.92 -7.97
CA SER A 76 -16.36 0.24 -8.65
C SER A 76 -17.38 1.34 -8.82
N LYS A 77 -18.61 0.99 -9.19
CA LYS A 77 -19.63 2.04 -9.29
C LYS A 77 -19.93 2.62 -7.92
N LEU A 78 -20.02 1.78 -6.90
CA LEU A 78 -20.31 2.29 -5.57
C LEU A 78 -19.22 3.25 -5.10
N LEU A 79 -17.97 2.82 -5.22
CA LEU A 79 -16.85 3.58 -4.66
C LEU A 79 -16.54 4.82 -5.49
N CYS A 80 -16.57 4.72 -6.83
CA CYS A 80 -16.39 5.92 -7.65
C CYS A 80 -17.50 6.92 -7.37
N GLY A 81 -18.73 6.43 -7.18
CA GLY A 81 -19.83 7.34 -6.88
C GLY A 81 -19.60 8.09 -5.56
N LEU A 82 -19.17 7.37 -4.53
CA LEU A 82 -18.90 8.00 -3.24
C LEU A 82 -17.76 9.00 -3.35
N LEU A 83 -16.67 8.63 -4.03
CA LEU A 83 -15.54 9.55 -4.17
C LEU A 83 -15.94 10.77 -4.97
N ALA A 84 -16.81 10.60 -5.96
CA ALA A 84 -17.24 11.74 -6.76
C ALA A 84 -18.16 12.66 -5.95
N GLU A 85 -19.11 12.08 -5.20
CA GLU A 85 -20.07 12.90 -4.47
C GLU A 85 -19.42 13.57 -3.26
N ARG A 86 -18.57 12.84 -2.53
CA ARG A 86 -18.06 13.34 -1.24
C ARG A 86 -16.74 14.07 -1.39
N LEU A 87 -15.87 13.61 -2.28
CA LEU A 87 -14.55 14.22 -2.45
C LEU A 87 -14.40 14.99 -3.76
N ARG A 88 -15.44 15.05 -4.60
CA ARG A 88 -15.40 15.71 -5.91
C ARG A 88 -14.26 15.20 -6.78
N ILE A 89 -14.02 13.89 -6.74
CA ILE A 89 -13.04 13.26 -7.62
C ILE A 89 -13.78 12.61 -8.77
N SER A 90 -13.40 12.98 -10.01
N SER A 90 -13.43 12.99 -10.00
CA SER A 90 -14.03 12.38 -11.18
CA SER A 90 -14.11 12.38 -11.15
C SER A 90 -13.75 10.88 -11.22
C SER A 90 -13.76 10.90 -11.24
N PRO A 91 -14.73 10.06 -11.60
CA PRO A 91 -14.49 8.60 -11.63
C PRO A 91 -13.37 8.17 -12.57
N ASP A 92 -13.10 8.94 -13.63
CA ASP A 92 -12.01 8.59 -14.55
C ASP A 92 -10.65 9.01 -14.00
N ARG A 93 -10.60 9.48 -12.76
CA ARG A 93 -9.35 9.78 -12.06
C ARG A 93 -9.21 8.92 -10.79
N VAL A 94 -9.86 7.77 -10.77
CA VAL A 94 -9.80 6.83 -9.64
C VAL A 94 -9.37 5.46 -10.16
N TYR A 95 -8.33 4.87 -9.55
CA TYR A 95 -8.03 3.45 -9.76
C TYR A 95 -8.33 2.72 -8.47
N ILE A 96 -8.95 1.55 -8.58
CA ILE A 96 -9.19 0.70 -7.41
C ILE A 96 -8.58 -0.67 -7.69
N ASN A 97 -7.69 -1.13 -6.79
CA ASN A 97 -7.15 -2.48 -6.85
C ASN A 97 -7.94 -3.39 -5.94
N TYR A 98 -8.38 -4.54 -6.48
CA TYR A 98 -9.15 -5.50 -5.70
C TYR A 98 -8.28 -6.72 -5.41
N TYR A 99 -8.34 -7.20 -4.18
CA TYR A 99 -7.52 -8.30 -3.69
C TYR A 99 -8.43 -9.31 -3.01
N ASP A 100 -8.49 -10.51 -3.58
CA ASP A 100 -9.19 -11.65 -2.97
C ASP A 100 -8.16 -12.36 -2.12
N MET A 101 -8.23 -12.15 -0.81
CA MET A 101 -7.20 -12.64 0.11
C MET A 101 -7.56 -14.05 0.57
N ASN A 102 -6.55 -14.92 0.57
CA ASN A 102 -6.71 -16.22 1.23
C ASN A 102 -6.78 -15.98 2.73
N ALA A 103 -7.66 -16.72 3.40
CA ALA A 103 -7.81 -16.59 4.84
C ALA A 103 -6.49 -16.80 5.58
N ALA A 104 -5.61 -17.70 5.08
CA ALA A 104 -4.33 -17.92 5.73
C ALA A 104 -3.41 -16.71 5.69
N ASN A 105 -3.67 -15.78 4.77
CA ASN A 105 -2.81 -14.61 4.56
C ASN A 105 -3.37 -13.34 5.15
N VAL A 106 -4.37 -13.43 6.04
CA VAL A 106 -4.89 -12.26 6.74
C VAL A 106 -4.71 -12.51 8.23
N GLY A 107 -3.87 -11.71 8.87
CA GLY A 107 -3.62 -11.82 10.28
C GLY A 107 -4.53 -10.87 11.03
N TRP A 108 -4.96 -11.31 12.19
CA TRP A 108 -5.86 -10.53 13.03
C TRP A 108 -5.83 -11.16 14.40
N ASN A 109 -5.79 -10.34 15.45
CA ASN A 109 -6.00 -10.84 16.81
C ASN A 109 -5.08 -12.02 17.12
N ASN A 110 -3.77 -11.82 16.90
CA ASN A 110 -2.70 -12.77 17.24
C ASN A 110 -2.72 -14.05 16.40
N SER A 111 -3.55 -14.14 15.38
CA SER A 111 -3.66 -15.36 14.59
C SER A 111 -3.99 -14.97 13.15
N THR A 112 -4.45 -15.93 12.35
CA THR A 112 -5.01 -15.64 11.03
C THR A 112 -6.42 -16.20 10.92
N PHE A 113 -7.08 -15.81 9.85
CA PHE A 113 -8.44 -16.29 9.59
C PHE A 113 -8.50 -17.74 9.13
N ALA A 114 -7.38 -18.33 8.72
CA ALA A 114 -7.42 -19.72 8.23
C ALA A 114 -7.99 -20.68 9.24
N PRO B 1 -1.50 1.96 -15.66
CA PRO B 1 -0.74 1.39 -14.53
C PRO B 1 -0.57 2.43 -13.44
N MET B 2 -0.02 1.96 -12.32
CA MET B 2 0.10 2.73 -11.10
C MET B 2 1.48 2.48 -10.51
N PHE B 3 2.19 3.56 -10.19
CA PHE B 3 3.51 3.45 -9.58
C PHE B 3 3.52 4.26 -8.29
N ILE B 4 3.94 3.65 -7.18
CA ILE B 4 4.00 4.29 -5.87
C ILE B 4 5.42 4.21 -5.34
N VAL B 5 5.95 5.31 -4.81
CA VAL B 5 7.24 5.31 -4.14
C VAL B 5 7.07 5.93 -2.77
N ASN B 6 7.45 5.18 -1.74
CA ASN B 6 7.53 5.65 -0.37
C ASN B 6 9.00 5.80 0.00
N THR B 7 9.36 6.95 0.55
CA THR B 7 10.76 7.22 0.83
C THR B 7 10.88 8.10 2.05
N ASN B 8 12.04 8.02 2.71
CA ASN B 8 12.34 8.90 3.83
C ASN B 8 12.99 10.20 3.38
N VAL B 9 13.25 10.33 2.08
CA VAL B 9 13.80 11.58 1.54
C VAL B 9 12.81 12.71 1.79
N PRO B 10 13.26 13.91 2.18
CA PRO B 10 12.32 14.99 2.51
C PRO B 10 11.64 15.56 1.28
N ARG B 11 10.45 16.12 1.52
CA ARG B 11 9.66 16.73 0.45
C ARG B 11 10.49 17.70 -0.40
N ALA B 12 11.33 18.50 0.24
CA ALA B 12 12.08 19.51 -0.49
C ALA B 12 13.08 18.90 -1.47
N SER B 13 13.47 17.63 -1.26
CA SER B 13 14.43 16.99 -2.16
C SER B 13 13.77 16.30 -3.34
N VAL B 14 12.44 16.26 -3.40
CA VAL B 14 11.76 15.77 -4.58
C VAL B 14 11.70 16.92 -5.57
N PRO B 15 12.41 16.84 -6.70
CA PRO B 15 12.48 17.99 -7.59
C PRO B 15 11.15 18.30 -8.25
N ASP B 16 10.97 19.57 -8.60
CA ASP B 16 9.82 20.00 -9.38
C ASP B 16 9.73 19.18 -10.67
N GLY B 17 8.53 18.71 -10.99
CA GLY B 17 8.35 17.92 -12.18
C GLY B 17 8.64 16.44 -12.02
N PHE B 18 8.95 15.97 -10.81
CA PHE B 18 9.27 14.56 -10.63
C PHE B 18 8.08 13.66 -10.99
N LEU B 19 6.86 14.08 -10.63
CA LEU B 19 5.70 13.27 -10.98
C LEU B 19 5.52 13.20 -12.50
N SER B 20 5.73 14.32 -13.21
CA SER B 20 5.64 14.26 -14.66
C SER B 20 6.74 13.41 -15.26
N GLU B 21 7.97 13.48 -14.71
CA GLU B 21 9.04 12.65 -15.24
C GLU B 21 8.73 11.17 -15.08
N LEU B 22 8.24 10.78 -13.91
CA LEU B 22 7.81 9.40 -13.68
C LEU B 22 6.69 9.02 -14.62
N THR B 23 5.72 9.92 -14.80
CA THR B 23 4.61 9.65 -15.71
C THR B 23 5.12 9.32 -17.10
N GLN B 24 5.98 10.19 -17.64
CA GLN B 24 6.47 10.00 -19.01
C GLN B 24 7.38 8.79 -19.13
N GLN B 25 8.29 8.58 -18.16
CA GLN B 25 9.19 7.44 -18.27
C GLN B 25 8.43 6.12 -18.17
N LEU B 26 7.45 6.03 -17.27
CA LEU B 26 6.65 4.82 -17.14
C LEU B 26 5.73 4.61 -18.34
N ALA B 27 5.20 5.69 -18.91
CA ALA B 27 4.44 5.56 -20.14
C ALA B 27 5.30 4.90 -21.21
N GLN B 28 6.55 5.37 -21.37
CA GLN B 28 7.43 4.78 -22.36
C GLN B 28 7.77 3.34 -22.00
N ALA B 29 8.07 3.08 -20.73
CA ALA B 29 8.52 1.75 -20.31
C ALA B 29 7.40 0.72 -20.42
N THR B 30 6.19 1.08 -20.02
CA THR B 30 5.09 0.14 -20.10
C THR B 30 4.43 0.12 -21.47
N GLY B 31 4.69 1.13 -22.31
CA GLY B 31 4.04 1.30 -23.60
C GLY B 31 2.61 1.81 -23.54
N LYS B 32 2.10 2.07 -22.38
CA LYS B 32 0.74 2.58 -22.20
C LYS B 32 0.71 4.10 -22.29
N PRO B 33 -0.42 4.68 -22.71
CA PRO B 33 -0.49 6.14 -22.84
C PRO B 33 -0.38 6.82 -21.49
N PRO B 34 0.27 7.98 -21.44
CA PRO B 34 0.42 8.70 -20.15
C PRO B 34 -0.91 8.99 -19.46
N GLN B 35 -2.00 9.11 -20.22
CA GLN B 35 -3.32 9.37 -19.65
C GLN B 35 -3.76 8.26 -18.69
N TYR B 36 -3.16 7.07 -18.79
CA TYR B 36 -3.50 5.94 -17.93
C TYR B 36 -2.44 5.67 -16.88
N ILE B 37 -1.41 6.50 -16.78
CA ILE B 37 -0.35 6.29 -15.79
C ILE B 37 -0.69 7.10 -14.55
N ALA B 38 -0.75 6.46 -13.38
CA ALA B 38 -0.94 7.18 -12.12
C ALA B 38 0.31 7.03 -11.27
N VAL B 39 0.73 8.11 -10.64
CA VAL B 39 1.96 8.10 -9.85
C VAL B 39 1.67 8.70 -8.49
N HIS B 40 2.31 8.16 -7.45
CA HIS B 40 2.08 8.59 -6.08
C HIS B 40 3.45 8.57 -5.40
N VAL B 41 3.91 9.72 -4.93
CA VAL B 41 5.22 9.85 -4.28
C VAL B 41 4.98 10.28 -2.85
N VAL B 42 5.56 9.55 -1.91
CA VAL B 42 5.31 9.76 -0.48
C VAL B 42 6.63 10.04 0.19
N PRO B 43 6.99 11.29 0.40
CA PRO B 43 8.27 11.61 1.06
C PRO B 43 8.14 11.67 2.56
N ASP B 44 9.27 11.89 3.25
CA ASP B 44 9.31 12.17 4.69
C ASP B 44 8.79 11.00 5.53
N GLN B 45 8.90 9.79 5.01
CA GLN B 45 8.37 8.64 5.70
C GLN B 45 9.35 8.15 6.77
N LEU B 46 8.80 7.54 7.80
CA LEU B 46 9.56 6.94 8.89
C LEU B 46 9.86 5.51 8.43
N MET B 47 11.07 5.29 7.92
CA MET B 47 11.41 4.02 7.28
C MET B 47 12.82 3.61 7.62
N ALA B 48 13.08 2.31 7.52
CA ALA B 48 14.45 1.81 7.62
C ALA B 48 14.63 0.70 6.61
N PHE B 49 15.86 0.59 6.11
CA PHE B 49 16.23 -0.44 5.16
C PHE B 49 17.49 -1.08 5.72
N GLY B 50 17.42 -2.36 6.03
CA GLY B 50 18.56 -2.99 6.67
C GLY B 50 18.88 -2.45 8.04
N GLY B 51 17.90 -1.89 8.73
CA GLY B 51 18.16 -1.30 10.03
C GLY B 51 18.71 0.09 9.98
N SER B 52 18.94 0.64 8.78
CA SER B 52 19.55 1.96 8.60
C SER B 52 18.52 2.95 8.05
N SER B 53 18.63 4.20 8.49
CA SER B 53 17.74 5.27 8.07
C SER B 53 18.38 6.17 7.01
N GLU B 54 19.46 5.73 6.38
CA GLU B 54 19.95 6.42 5.20
C GLU B 54 18.85 6.39 4.14
N PRO B 55 18.91 7.28 3.15
CA PRO B 55 17.84 7.35 2.15
C PRO B 55 17.55 5.99 1.53
N CYS B 56 16.26 5.69 1.40
CA CYS B 56 15.81 4.42 0.86
C CYS B 56 14.42 4.62 0.27
N ALA B 57 13.94 3.60 -0.41
CA ALA B 57 12.62 3.68 -1.02
C ALA B 57 12.00 2.29 -1.06
N LEU B 58 10.69 2.26 -0.82
CA LEU B 58 9.86 1.08 -1.03
C LEU B 58 8.83 1.46 -2.07
N CYS B 59 8.81 0.73 -3.18
CA CYS B 59 7.97 1.11 -4.32
C CYS B 59 7.11 -0.06 -4.77
N SER B 60 6.07 0.27 -5.54
CA SER B 60 5.31 -0.79 -6.18
C SER B 60 4.93 -0.31 -7.56
N LEU B 61 4.95 -1.23 -8.52
CA LEU B 61 4.45 -0.97 -9.86
C LEU B 61 3.36 -2.00 -10.12
N HIS B 62 2.13 -1.52 -10.31
CA HIS B 62 0.99 -2.39 -10.64
C HIS B 62 0.63 -2.18 -12.10
N SER B 63 0.44 -3.29 -12.83
CA SER B 63 0.14 -3.17 -14.25
C SER B 63 -0.71 -4.35 -14.66
N ILE B 64 -1.69 -4.10 -15.54
CA ILE B 64 -2.41 -5.20 -16.21
C ILE B 64 -1.48 -5.71 -17.31
N GLY B 65 -0.80 -6.84 -17.04
CA GLY B 65 0.18 -7.34 -17.97
C GLY B 65 1.41 -6.44 -17.99
N LYS B 66 2.31 -6.77 -18.91
CA LYS B 66 3.61 -6.10 -19.00
C LYS B 66 4.42 -6.27 -17.71
N ILE B 67 4.23 -7.41 -17.03
CA ILE B 67 4.99 -7.79 -15.86
C ILE B 67 5.57 -9.16 -16.13
N GLY B 68 6.86 -9.34 -15.83
CA GLY B 68 7.52 -10.61 -16.06
C GLY B 68 8.99 -10.47 -15.73
N GLY B 69 9.68 -11.60 -15.73
CA GLY B 69 11.09 -11.64 -15.35
C GLY B 69 11.94 -10.60 -16.04
N ALA B 70 12.00 -10.66 -17.38
CA ALA B 70 12.86 -9.74 -18.12
C ALA B 70 12.35 -8.30 -18.04
N GLN B 71 11.03 -8.10 -18.10
CA GLN B 71 10.51 -6.74 -18.03
C GLN B 71 10.77 -6.12 -16.67
N ASN B 72 10.62 -6.91 -15.60
CA ASN B 72 10.82 -6.39 -14.24
C ASN B 72 12.28 -6.06 -14.00
N ARG B 73 13.20 -6.83 -14.57
CA ARG B 73 14.60 -6.47 -14.50
C ARG B 73 14.83 -5.13 -15.17
N SER B 74 14.20 -4.91 -16.33
CA SER B 74 14.34 -3.64 -17.04
C SER B 74 13.67 -2.50 -16.28
N TYR B 75 12.46 -2.72 -15.75
CA TYR B 75 11.85 -1.69 -14.91
C TYR B 75 12.74 -1.33 -13.73
N SER B 76 13.36 -2.32 -13.09
CA SER B 76 14.17 -2.07 -11.89
C SER B 76 15.37 -1.19 -12.20
N LYS B 77 16.03 -1.47 -13.34
CA LYS B 77 17.17 -0.66 -13.74
C LYS B 77 16.73 0.76 -14.06
N LEU B 78 15.60 0.93 -14.75
CA LEU B 78 15.07 2.25 -15.04
C LEU B 78 14.69 3.01 -13.76
N LEU B 79 13.91 2.36 -12.90
CA LEU B 79 13.37 3.04 -11.72
C LEU B 79 14.44 3.30 -10.67
N CYS B 80 15.35 2.35 -10.46
CA CYS B 80 16.48 2.62 -9.56
C CYS B 80 17.33 3.78 -10.09
N GLY B 81 17.51 3.84 -11.42
CA GLY B 81 18.27 4.94 -11.99
C GLY B 81 17.66 6.30 -11.73
N LEU B 82 16.34 6.42 -11.91
CA LEU B 82 15.64 7.68 -11.65
C LEU B 82 15.69 8.04 -10.17
N LEU B 83 15.48 7.06 -9.28
CA LEU B 83 15.52 7.35 -7.85
C LEU B 83 16.93 7.77 -7.42
N ALA B 84 17.95 7.16 -8.00
CA ALA B 84 19.32 7.53 -7.66
C ALA B 84 19.68 8.91 -8.22
N GLU B 85 19.29 9.19 -9.46
CA GLU B 85 19.65 10.48 -10.06
C GLU B 85 18.81 11.61 -9.48
N ARG B 86 17.52 11.37 -9.25
CA ARG B 86 16.63 12.46 -8.85
C ARG B 86 16.49 12.59 -7.33
N LEU B 87 16.43 11.47 -6.61
CA LEU B 87 16.26 11.51 -5.15
C LEU B 87 17.54 11.16 -4.40
N ARG B 88 18.63 10.87 -5.12
CA ARG B 88 19.92 10.51 -4.53
C ARG B 88 19.79 9.30 -3.58
N ILE B 89 19.00 8.31 -3.98
CA ILE B 89 18.83 7.07 -3.23
C ILE B 89 19.62 5.94 -3.88
N SER B 90 20.47 5.27 -3.10
CA SER B 90 21.28 4.19 -3.66
C SER B 90 20.41 3.02 -4.11
N PRO B 91 20.70 2.44 -5.29
CA PRO B 91 19.87 1.32 -5.78
C PRO B 91 19.83 0.12 -4.86
N ASP B 92 20.85 -0.10 -4.04
CA ASP B 92 20.77 -1.22 -3.11
C ASP B 92 19.96 -0.89 -1.87
N ARG B 93 19.32 0.28 -1.85
CA ARG B 93 18.39 0.65 -0.80
C ARG B 93 16.99 0.89 -1.35
N VAL B 94 16.68 0.26 -2.48
CA VAL B 94 15.38 0.37 -3.11
C VAL B 94 14.80 -1.02 -3.28
N TYR B 95 13.58 -1.21 -2.83
CA TYR B 95 12.77 -2.38 -3.18
C TYR B 95 11.64 -1.92 -4.09
N ILE B 96 11.38 -2.69 -5.13
CA ILE B 96 10.22 -2.47 -5.99
C ILE B 96 9.44 -3.77 -6.07
N ASN B 97 8.18 -3.75 -5.63
CA ASN B 97 7.31 -4.90 -5.79
C ASN B 97 6.50 -4.75 -7.09
N TYR B 98 6.50 -5.79 -7.89
CA TYR B 98 5.79 -5.78 -9.15
C TYR B 98 4.53 -6.62 -9.02
N TYR B 99 3.41 -6.10 -9.55
CA TYR B 99 2.11 -6.73 -9.47
C TYR B 99 1.51 -6.79 -10.86
N ASP B 100 1.30 -8.01 -11.37
CA ASP B 100 0.58 -8.23 -12.62
C ASP B 100 -0.91 -8.38 -12.26
N MET B 101 -1.71 -7.36 -12.55
CA MET B 101 -3.10 -7.31 -12.10
C MET B 101 -4.00 -7.96 -13.14
N ASN B 102 -4.92 -8.79 -12.65
CA ASN B 102 -5.95 -9.34 -13.51
C ASN B 102 -6.94 -8.25 -13.90
N ALA B 103 -7.39 -8.30 -15.15
CA ALA B 103 -8.34 -7.30 -15.63
C ALA B 103 -9.58 -7.20 -14.74
N ALA B 104 -10.04 -8.32 -14.19
CA ALA B 104 -11.22 -8.29 -13.34
C ALA B 104 -10.99 -7.56 -12.02
N ASN B 105 -9.73 -7.39 -11.60
CA ASN B 105 -9.43 -6.88 -10.27
C ASN B 105 -8.92 -5.43 -10.28
N VAL B 106 -9.18 -4.69 -11.36
CA VAL B 106 -8.83 -3.27 -11.42
C VAL B 106 -10.06 -2.48 -11.80
N GLY B 107 -10.44 -1.52 -10.94
CA GLY B 107 -11.56 -0.62 -11.16
C GLY B 107 -11.12 0.74 -11.65
N TRP B 108 -11.94 1.34 -12.51
CA TRP B 108 -11.67 2.68 -13.04
C TRP B 108 -12.97 3.19 -13.65
N ASN B 109 -13.29 4.46 -13.40
CA ASN B 109 -14.36 5.11 -14.14
C ASN B 109 -15.65 4.29 -14.08
N ASN B 110 -16.05 3.93 -12.87
CA ASN B 110 -17.29 3.20 -12.62
C ASN B 110 -17.29 1.81 -13.25
N SER B 111 -16.14 1.30 -13.67
CA SER B 111 -16.09 0.06 -14.41
C SER B 111 -14.89 -0.76 -13.92
N THR B 112 -14.67 -1.91 -14.55
CA THR B 112 -13.41 -2.65 -14.39
C THR B 112 -12.78 -2.77 -15.76
N PHE B 113 -11.49 -3.14 -15.78
CA PHE B 113 -10.85 -3.25 -17.09
C PHE B 113 -11.47 -4.40 -17.86
N ALA B 114 -11.82 -5.47 -17.17
CA ALA B 114 -12.42 -6.64 -17.80
C ALA B 114 -13.73 -6.27 -18.43
N PRO C 1 12.55 -8.89 3.36
CA PRO C 1 11.11 -8.68 3.43
C PRO C 1 10.81 -7.19 3.65
N MET C 2 9.53 -6.86 3.63
CA MET C 2 9.07 -5.49 3.78
C MET C 2 7.87 -5.54 4.70
N PHE C 3 7.92 -4.78 5.81
CA PHE C 3 6.83 -4.71 6.77
C PHE C 3 6.40 -3.26 6.94
N ILE C 4 5.12 -2.99 6.75
CA ILE C 4 4.55 -1.65 6.82
C ILE C 4 3.43 -1.64 7.86
N VAL C 5 3.43 -0.62 8.72
CA VAL C 5 2.38 -0.44 9.73
C VAL C 5 1.77 0.93 9.53
N ASN C 6 0.46 0.97 9.26
CA ASN C 6 -0.31 2.21 9.21
C ASN C 6 -1.20 2.26 10.43
N THR C 7 -1.17 3.36 11.15
CA THR C 7 -1.93 3.43 12.39
C THR C 7 -2.40 4.86 12.64
N ASN C 8 -3.50 4.96 13.40
CA ASN C 8 -4.00 6.26 13.83
C ASN C 8 -3.35 6.72 15.13
N VAL C 9 -2.47 5.90 15.71
CA VAL C 9 -1.73 6.31 16.91
C VAL C 9 -0.82 7.48 16.54
N PRO C 10 -0.71 8.51 17.36
CA PRO C 10 0.10 9.67 16.96
C PRO C 10 1.59 9.38 16.97
N ARG C 11 2.32 10.16 16.16
CA ARG C 11 3.77 10.02 16.00
C ARG C 11 4.48 9.98 17.35
N ALA C 12 4.05 10.82 18.29
CA ALA C 12 4.70 10.94 19.59
C ALA C 12 4.57 9.68 20.44
N SER C 13 3.61 8.82 20.13
CA SER C 13 3.42 7.57 20.84
C SER C 13 4.19 6.41 20.23
N VAL C 14 4.84 6.62 19.09
CA VAL C 14 5.75 5.63 18.51
C VAL C 14 7.10 5.80 19.22
N PRO C 15 7.49 4.85 20.05
CA PRO C 15 8.71 5.04 20.85
C PRO C 15 9.97 5.04 19.99
N ASP C 16 11.00 5.72 20.50
CA ASP C 16 12.32 5.66 19.91
C ASP C 16 12.79 4.22 19.77
N GLY C 17 13.39 3.91 18.63
CA GLY C 17 13.93 2.59 18.40
C GLY C 17 12.92 1.58 17.90
N PHE C 18 11.69 2.00 17.63
CA PHE C 18 10.64 1.06 17.21
C PHE C 18 10.99 0.40 15.89
N LEU C 19 11.51 1.16 14.93
CA LEU C 19 11.82 0.55 13.64
C LEU C 19 12.95 -0.46 13.77
N SER C 20 13.95 -0.17 14.60
CA SER C 20 15.04 -1.13 14.81
C SER C 20 14.52 -2.39 15.50
N GLU C 21 13.62 -2.24 16.46
CA GLU C 21 13.03 -3.39 17.12
C GLU C 21 12.23 -4.24 16.12
N LEU C 22 11.45 -3.59 15.25
CA LEU C 22 10.74 -4.34 14.22
C LEU C 22 11.71 -5.09 13.32
N THR C 23 12.78 -4.42 12.89
CA THR C 23 13.78 -5.06 12.03
C THR C 23 14.35 -6.31 12.69
N GLN C 24 14.80 -6.18 13.94
CA GLN C 24 15.42 -7.30 14.64
C GLN C 24 14.44 -8.42 14.93
N GLN C 25 13.21 -8.07 15.32
CA GLN C 25 12.22 -9.10 15.63
C GLN C 25 11.78 -9.84 14.38
N LEU C 26 11.62 -9.13 13.25
CA LEU C 26 11.29 -9.80 11.99
C LEU C 26 12.43 -10.69 11.53
N ALA C 27 13.67 -10.27 11.79
CA ALA C 27 14.81 -11.12 11.50
C ALA C 27 14.70 -12.44 12.24
N GLN C 28 14.37 -12.39 13.53
CA GLN C 28 14.25 -13.62 14.31
C GLN C 28 13.07 -14.46 13.82
N ALA C 29 11.91 -13.81 13.63
CA ALA C 29 10.69 -14.55 13.33
C ALA C 29 10.72 -15.16 11.94
N THR C 30 11.13 -14.39 10.94
CA THR C 30 11.17 -14.89 9.57
C THR C 30 12.46 -15.63 9.26
N GLY C 31 13.48 -15.51 10.10
CA GLY C 31 14.78 -16.05 9.81
C GLY C 31 15.57 -15.30 8.77
N LYS C 32 15.02 -14.21 8.21
CA LYS C 32 15.71 -13.50 7.15
C LYS C 32 16.76 -12.56 7.72
N PRO C 33 17.83 -12.30 6.99
CA PRO C 33 18.92 -11.44 7.51
C PRO C 33 18.44 -10.00 7.66
N PRO C 34 18.86 -9.31 8.71
CA PRO C 34 18.40 -7.92 8.90
C PRO C 34 18.74 -7.01 7.74
N GLN C 35 19.86 -7.26 7.03
CA GLN C 35 20.19 -6.44 5.86
C GLN C 35 19.09 -6.45 4.80
N TYR C 36 18.28 -7.50 4.74
CA TYR C 36 17.26 -7.61 3.72
C TYR C 36 15.88 -7.14 4.19
N ILE C 37 15.77 -6.63 5.42
CA ILE C 37 14.48 -6.24 6.01
C ILE C 37 14.28 -4.73 5.91
N ALA C 38 13.17 -4.33 5.32
CA ALA C 38 12.76 -2.93 5.29
C ALA C 38 11.50 -2.78 6.11
N VAL C 39 11.42 -1.71 6.90
CA VAL C 39 10.28 -1.47 7.77
C VAL C 39 9.82 -0.03 7.56
N HIS C 40 8.50 0.17 7.68
CA HIS C 40 7.89 1.46 7.39
C HIS C 40 6.73 1.65 8.34
N VAL C 41 6.76 2.71 9.15
CA VAL C 41 5.69 2.99 10.11
C VAL C 41 5.04 4.33 9.77
N VAL C 42 3.72 4.35 9.68
CA VAL C 42 2.97 5.53 9.28
C VAL C 42 1.95 5.88 10.36
N PRO C 43 2.29 6.81 11.25
CA PRO C 43 1.37 7.18 12.31
C PRO C 43 0.41 8.29 11.91
N ASP C 44 -0.46 8.67 12.84
CA ASP C 44 -1.35 9.83 12.65
C ASP C 44 -2.33 9.64 11.50
N GLN C 45 -2.66 8.40 11.18
CA GLN C 45 -3.50 8.15 10.03
C GLN C 45 -4.98 8.31 10.38
N LEU C 46 -5.76 8.68 9.37
CA LEU C 46 -7.23 8.79 9.46
C LEU C 46 -7.79 7.42 9.14
N MET C 47 -8.14 6.65 10.18
CA MET C 47 -8.51 5.24 10.02
C MET C 47 -9.65 4.88 10.95
N ALA C 48 -10.39 3.83 10.58
CA ALA C 48 -11.40 3.26 11.45
C ALA C 48 -11.35 1.76 11.30
N PHE C 49 -11.70 1.05 12.38
CA PHE C 49 -11.73 -0.40 12.40
C PHE C 49 -13.06 -0.78 13.03
N GLY C 50 -13.92 -1.46 12.28
CA GLY C 50 -15.25 -1.72 12.79
C GLY C 50 -16.05 -0.45 12.99
N GLY C 51 -15.69 0.63 12.29
CA GLY C 51 -16.37 1.91 12.42
C GLY C 51 -15.90 2.73 13.60
N SER C 52 -14.95 2.22 14.38
CA SER C 52 -14.50 2.91 15.58
C SER C 52 -13.14 3.54 15.31
N SER C 53 -12.93 4.70 15.91
CA SER C 53 -11.69 5.43 15.73
C SER C 53 -10.72 5.18 16.85
N GLU C 54 -10.99 4.17 17.67
CA GLU C 54 -10.04 3.75 18.69
C GLU C 54 -8.75 3.26 18.02
N PRO C 55 -7.64 3.18 18.77
CA PRO C 55 -6.38 2.79 18.13
C PRO C 55 -6.51 1.49 17.35
N CYS C 56 -5.93 1.50 16.15
CA CYS C 56 -5.96 0.34 15.27
C CYS C 56 -4.75 0.40 14.37
N ALA C 57 -4.52 -0.68 13.63
CA ALA C 57 -3.40 -0.73 12.70
C ALA C 57 -3.77 -1.61 11.54
N LEU C 58 -3.37 -1.19 10.35
CA LEU C 58 -3.44 -1.98 9.14
C LEU C 58 -2.01 -2.18 8.66
N CYS C 59 -1.59 -3.44 8.50
CA CYS C 59 -0.20 -3.77 8.25
C CYS C 59 -0.09 -4.72 7.08
N SER C 60 1.11 -4.79 6.52
CA SER C 60 1.42 -5.77 5.48
C SER C 60 2.85 -6.27 5.65
N LEU C 61 3.03 -7.56 5.37
CA LEU C 61 4.34 -8.17 5.34
C LEU C 61 4.49 -8.86 3.99
N HIS C 62 5.44 -8.39 3.18
CA HIS C 62 5.78 -8.99 1.90
C HIS C 62 7.11 -9.71 2.07
N SER C 63 7.18 -10.94 1.59
CA SER C 63 8.39 -11.73 1.75
C SER C 63 8.52 -12.73 0.61
N ILE C 64 9.76 -12.94 0.15
CA ILE C 64 10.02 -14.04 -0.77
C ILE C 64 10.09 -15.31 0.07
N GLY C 65 9.01 -16.08 0.10
CA GLY C 65 8.99 -17.26 0.94
C GLY C 65 8.84 -16.89 2.41
N LYS C 66 8.87 -17.92 3.25
CA LYS C 66 8.59 -17.79 4.69
C LYS C 66 7.21 -17.21 4.94
N ILE C 67 6.29 -17.52 4.04
CA ILE C 67 4.88 -17.17 4.17
C ILE C 67 4.09 -18.46 4.07
N GLY C 68 3.16 -18.66 5.00
CA GLY C 68 2.39 -19.88 5.00
C GLY C 68 1.52 -19.94 6.23
N GLY C 69 0.66 -20.96 6.25
CA GLY C 69 -0.32 -21.07 7.32
C GLY C 69 0.24 -20.89 8.71
N ALA C 70 1.15 -21.80 9.10
CA ALA C 70 1.70 -21.78 10.45
C ALA C 70 2.59 -20.56 10.65
N GLN C 71 3.37 -20.21 9.64
CA GLN C 71 4.31 -19.10 9.79
C GLN C 71 3.57 -17.79 10.02
N ASN C 72 2.48 -17.56 9.25
CA ASN C 72 1.71 -16.34 9.37
C ASN C 72 1.01 -16.24 10.72
N ARG C 73 0.58 -17.37 11.26
CA ARG C 73 0.02 -17.35 12.62
C ARG C 73 1.07 -16.90 13.62
N SER C 74 2.29 -17.41 13.48
CA SER C 74 3.36 -17.00 14.38
C SER C 74 3.70 -15.52 14.21
N TYR C 75 3.79 -15.04 12.96
CA TYR C 75 4.05 -13.62 12.75
C TYR C 75 2.96 -12.77 13.39
N SER C 76 1.70 -13.19 13.25
CA SER C 76 0.61 -12.39 13.77
C SER C 76 0.70 -12.27 15.28
N LYS C 77 1.04 -13.37 15.96
CA LYS C 77 1.20 -13.32 17.41
C LYS C 77 2.38 -12.43 17.80
N LEU C 78 3.51 -12.56 17.11
CA LEU C 78 4.65 -11.69 17.38
C LEU C 78 4.32 -10.23 17.07
N LEU C 79 3.75 -9.95 15.87
CA LEU C 79 3.57 -8.56 15.49
C LEU C 79 2.45 -7.89 16.27
N CYS C 80 1.34 -8.60 16.51
CA CYS C 80 0.28 -8.04 17.35
C CYS C 80 0.79 -7.77 18.77
N GLY C 81 1.62 -8.67 19.30
CA GLY C 81 2.21 -8.43 20.61
C GLY C 81 3.04 -7.17 20.63
N LEU C 82 3.84 -6.93 19.58
CA LEU C 82 4.66 -5.72 19.52
C LEU C 82 3.81 -4.47 19.46
N LEU C 83 2.77 -4.52 18.62
CA LEU C 83 1.88 -3.37 18.49
C LEU C 83 1.13 -3.11 19.78
N ALA C 84 0.75 -4.17 20.50
CA ALA C 84 0.06 -3.95 21.77
C ALA C 84 1.00 -3.40 22.82
N GLU C 85 2.20 -3.97 22.92
CA GLU C 85 3.13 -3.54 23.96
C GLU C 85 3.70 -2.15 23.67
N ARG C 86 4.05 -1.87 22.42
CA ARG C 86 4.73 -0.62 22.10
C ARG C 86 3.77 0.50 21.71
N LEU C 87 2.72 0.17 20.96
CA LEU C 87 1.81 1.21 20.49
C LEU C 87 0.48 1.17 21.23
N ARG C 88 0.30 0.22 22.15
CA ARG C 88 -0.94 0.12 22.93
C ARG C 88 -2.17 -0.04 22.03
N ILE C 89 -2.03 -0.83 20.96
CA ILE C 89 -3.14 -1.16 20.06
C ILE C 89 -3.62 -2.57 20.38
N SER C 90 -4.94 -2.73 20.55
CA SER C 90 -5.49 -4.05 20.86
C SER C 90 -5.33 -4.98 19.66
N PRO C 91 -4.96 -6.25 19.88
CA PRO C 91 -4.74 -7.14 18.73
C PRO C 91 -5.98 -7.37 17.89
N ASP C 92 -7.19 -7.23 18.44
CA ASP C 92 -8.39 -7.41 17.61
C ASP C 92 -8.72 -6.16 16.82
N ARG C 93 -7.84 -5.15 16.87
CA ARG C 93 -7.95 -3.97 16.00
C ARG C 93 -6.72 -3.85 15.09
N VAL C 94 -6.12 -4.99 14.78
CA VAL C 94 -4.99 -5.07 13.87
C VAL C 94 -5.32 -6.07 12.76
N TYR C 95 -5.17 -5.63 11.51
CA TYR C 95 -5.10 -6.52 10.37
C TYR C 95 -3.66 -6.51 9.86
N ILE C 96 -3.16 -7.69 9.50
CA ILE C 96 -1.87 -7.83 8.81
C ILE C 96 -2.11 -8.67 7.55
N ASN C 97 -1.86 -8.10 6.39
CA ASN C 97 -1.93 -8.88 5.15
C ASN C 97 -0.56 -9.45 4.81
N TYR C 98 -0.51 -10.75 4.51
CA TYR C 98 0.72 -11.44 4.17
C TYR C 98 0.79 -11.68 2.67
N TYR C 99 1.96 -11.46 2.08
CA TYR C 99 2.18 -11.58 0.65
C TYR C 99 3.42 -12.41 0.41
N ASP C 100 3.25 -13.56 -0.23
CA ASP C 100 4.37 -14.37 -0.66
C ASP C 100 4.77 -13.93 -2.07
N MET C 101 5.91 -13.26 -2.18
CA MET C 101 6.35 -12.66 -3.43
C MET C 101 7.20 -13.63 -4.25
N ASN C 102 6.93 -13.71 -5.55
CA ASN C 102 7.84 -14.42 -6.43
C ASN C 102 9.10 -13.58 -6.60
N ALA C 103 10.25 -14.26 -6.61
CA ALA C 103 11.52 -13.56 -6.73
C ALA C 103 11.57 -12.69 -7.97
N ALA C 104 10.95 -13.14 -9.07
CA ALA C 104 10.94 -12.38 -10.32
C ALA C 104 10.18 -11.07 -10.19
N ASN C 105 9.36 -10.92 -9.14
CA ASN C 105 8.50 -9.75 -8.95
C ASN C 105 9.01 -8.85 -7.83
N VAL C 106 10.26 -8.99 -7.42
CA VAL C 106 10.85 -8.09 -6.43
C VAL C 106 12.11 -7.51 -7.04
N GLY C 107 12.12 -6.20 -7.23
CA GLY C 107 13.27 -5.51 -7.77
C GLY C 107 14.10 -4.96 -6.63
N TRP C 108 15.42 -4.98 -6.83
CA TRP C 108 16.36 -4.47 -5.85
C TRP C 108 17.68 -4.29 -6.56
N ASN C 109 18.34 -3.15 -6.32
CA ASN C 109 19.70 -2.97 -6.80
C ASN C 109 19.82 -3.20 -8.31
N ASN C 110 18.96 -2.50 -9.05
CA ASN C 110 18.91 -2.47 -10.51
C ASN C 110 18.50 -3.79 -11.15
N SER C 111 18.08 -4.79 -10.37
CA SER C 111 17.75 -6.11 -10.90
C SER C 111 16.57 -6.66 -10.10
N THR C 112 16.26 -7.94 -10.30
CA THR C 112 15.32 -8.66 -9.46
C THR C 112 16.05 -9.83 -8.81
N PHE C 113 15.40 -10.44 -7.83
CA PHE C 113 16.00 -11.56 -7.11
C PHE C 113 15.99 -12.87 -7.88
N ALA C 114 15.14 -12.99 -8.90
CA ALA C 114 15.06 -14.22 -9.70
C ALA C 114 16.39 -14.53 -10.40
CL CL D . -12.04 -9.90 5.01
CL CL E . -3.79 -14.12 -0.61
CL CL F . -5.00 -9.58 -9.63
OAB MRI G . -3.42 0.61 -16.60
CAM MRI G . -4.77 0.49 -16.38
CAN MRI G . -5.65 0.74 -17.49
OAD MRI G . -5.10 1.14 -18.69
CAI MRI G . -7.07 0.59 -17.24
CAO MRI G . -8.01 0.82 -18.28
OAC MRI G . -7.55 1.20 -19.53
CAS MRI G . -9.37 0.65 -18.01
CAR MRI G . -9.79 0.27 -16.77
OAF MRI G . -11.14 0.09 -16.51
CAP MRI G . -8.89 0.04 -15.72
CAJ MRI G . -7.50 0.22 -16.02
OAA MRI G . -6.62 -0.01 -15.04
CAK MRI G . -5.34 0.14 -15.17
CAL MRI G . -4.63 -0.24 -13.89
CAT MRI G . -5.33 0.05 -12.74
CAV MRI G . -4.80 -0.36 -11.52
CAW MRI G . -3.62 -1.08 -11.51
OAG MRI G . -3.12 -1.48 -10.27
CAU MRI G . -2.97 -1.42 -12.67
CAQ MRI G . -3.48 -1.02 -13.89
OAE MRI G . -2.80 -1.36 -15.06
CL CL H . 12.21 -11.04 0.99
#